data_2RFU
#
_entry.id   2RFU
#
_cell.length_a   98.369
_cell.length_b   98.369
_cell.length_c   135.896
_cell.angle_alpha   90.00
_cell.angle_beta   90.00
_cell.angle_gamma   120.00
#
_symmetry.space_group_name_H-M   'P 3 2 1'
#
loop_
_entity.id
_entity.type
_entity.pdbx_description
1 polymer 'Influenza B hemagglutinin (HA)'
2 polymer 'Influenza B hemagglutinin (HA)'
3 branched 2-acetamido-2-deoxy-beta-D-glucopyranose-(1-4)-2-acetamido-2-deoxy-beta-D-glucopyranose
4 branched 'N-acetyl-alpha-neuraminic acid-(2-6)-beta-D-galactopyranose-(1-4)-2-acetamido-2-deoxy-beta-D-glucopyranose'
5 non-polymer 2-acetamido-2-deoxy-beta-D-glucopyranose
6 water water
#
loop_
_entity_poly.entity_id
_entity_poly.type
_entity_poly.pdbx_seq_one_letter_code
_entity_poly.pdbx_strand_id
1 'polypeptide(L)'
;DRICTGITSSNSPHVVKTATQGEVNVTGVIPLTTTPTKSHFANLKGTQTRGKLCPNCLNCTDLDVALGRPKCMGTIPSAK
ASILHEVKPVTSGCFPIMHDRTKIRQLPNLLRGYENIRLSARNVTNAETAPGGPYIVGTSGSCPNVTNGNGFFATMAWAV
PKNKTATNPLTVEVPYICTKGEDQITVWGFHSDDETQMVKLYGDSKPQKFTSSANGVTTHYVSQIGGFPNQAEDEGLPQS
GRIVVDYMVQKPGKTGTIAYQRGVLLPQKVWCASGRSKVIKGSLPLIGEADCLHEKYGGLNKSKPYYTGEHAKAIGNCPI
WVKTPLKLANGTKYRPPAKLLKER
;
A
2 'polypeptide(L)'
;GFFGAIAGFLEGGWEGMIAGWHGYTSHGAHGVAVAADLKSTQEAINKITKNLNSLSELEVKNLQRLSGAMDELHNEILEL
DEKVDDLRADTISSQIELAVLLSNEGIINSEDEHLLALERKLKKMLGPSAVDIGNGCFETKHKCNQTCLDRIAAGTFNAG
EFSLPTFDSLNITAAS
;
B
#
loop_
_chem_comp.id
_chem_comp.type
_chem_comp.name
_chem_comp.formula
GAL D-saccharide, beta linking beta-D-galactopyranose 'C6 H12 O6'
NAG D-saccharide, beta linking 2-acetamido-2-deoxy-beta-D-glucopyranose 'C8 H15 N O6'
SIA D-saccharide, alpha linking 'N-acetyl-alpha-neuraminic acid' 'C11 H19 N O9'
#
# COMPACT_ATOMS: atom_id res chain seq x y z
N ASP A 1 -48.32 -41.58 1.23
CA ASP A 1 -47.62 -40.49 1.96
C ASP A 1 -46.31 -40.12 1.28
N ARG A 2 -46.01 -38.82 1.28
CA ARG A 2 -44.87 -38.32 0.54
C ARG A 2 -43.84 -37.64 1.41
N ILE A 3 -42.63 -38.20 1.41
CA ILE A 3 -41.47 -37.55 1.98
C ILE A 3 -40.64 -37.00 0.81
N CYS A 4 -40.20 -35.75 0.94
CA CYS A 4 -39.46 -35.07 -0.14
C CYS A 4 -38.27 -34.32 0.40
N THR A 5 -37.33 -34.02 -0.49
CA THR A 5 -36.24 -33.11 -0.17
C THR A 5 -36.74 -31.70 -0.40
N GLY A 6 -36.25 -30.77 0.40
CA GLY A 6 -36.63 -29.37 0.26
C GLY A 6 -35.54 -28.44 0.76
N ILE A 7 -35.60 -27.18 0.34
CA ILE A 7 -34.75 -26.12 0.88
C ILE A 7 -35.60 -25.05 1.58
N THR A 8 -34.93 -24.18 2.33
CA THR A 8 -35.63 -23.17 3.14
C THR A 8 -36.08 -21.96 2.34
N SER A 9 -36.98 -21.20 2.95
CA SER A 9 -37.31 -19.86 2.54
C SER A 9 -37.05 -19.01 3.75
N SER A 10 -36.36 -17.90 3.58
CA SER A 10 -36.04 -17.05 4.70
C SER A 10 -35.62 -15.67 4.24
N ASN A 11 -35.53 -14.75 5.18
CA ASN A 11 -35.11 -13.39 4.90
C ASN A 11 -33.83 -13.41 4.06
N SER A 12 -33.87 -12.77 2.90
CA SER A 12 -32.77 -12.82 1.93
C SER A 12 -32.54 -11.45 1.33
N PRO A 13 -32.06 -10.52 2.16
CA PRO A 13 -31.91 -9.14 1.69
C PRO A 13 -30.63 -8.94 0.88
N HIS A 14 -29.66 -9.82 1.09
CA HIS A 14 -28.35 -9.68 0.48
C HIS A 14 -28.39 -10.26 -0.93
N VAL A 15 -27.81 -9.51 -1.87
CA VAL A 15 -27.80 -9.88 -3.28
C VAL A 15 -26.39 -10.26 -3.72
N VAL A 16 -26.25 -11.35 -4.47
CA VAL A 16 -24.95 -11.79 -4.97
C VAL A 16 -24.92 -11.98 -6.50
N LYS A 17 -23.81 -11.59 -7.07
CA LYS A 17 -23.56 -11.64 -8.51
C LYS A 17 -23.11 -13.04 -8.92
N THR A 18 -23.86 -13.69 -9.83
CA THR A 18 -23.46 -15.00 -10.40
C THR A 18 -23.49 -15.03 -11.93
N ALA A 19 -22.80 -16.00 -12.49
CA ALA A 19 -22.54 -16.10 -13.95
C ALA A 19 -23.71 -16.64 -14.74
N THR A 20 -24.28 -17.75 -14.30
CA THR A 20 -25.37 -18.41 -15.00
C THR A 20 -26.73 -17.81 -14.68
N GLN A 21 -26.87 -17.26 -13.47
CA GLN A 21 -28.18 -16.83 -12.96
C GLN A 21 -28.30 -15.34 -12.69
N GLY A 22 -27.46 -14.54 -13.34
CA GLY A 22 -27.46 -13.09 -13.08
C GLY A 22 -27.32 -12.79 -11.60
N GLU A 23 -27.88 -11.67 -11.17
CA GLU A 23 -27.80 -11.28 -9.77
C GLU A 23 -28.92 -11.94 -8.99
N VAL A 24 -28.56 -12.62 -7.89
CA VAL A 24 -29.52 -13.40 -7.12
C VAL A 24 -29.58 -12.96 -5.64
N ASN A 25 -30.74 -13.13 -5.01
CA ASN A 25 -30.91 -12.84 -3.58
C ASN A 25 -30.52 -14.05 -2.72
N VAL A 26 -29.88 -13.82 -1.59
CA VAL A 26 -29.32 -14.92 -0.78
C VAL A 26 -29.62 -14.81 0.71
N THR A 27 -29.83 -15.96 1.35
CA THR A 27 -30.09 -16.07 2.78
C THR A 27 -29.13 -15.22 3.61
N GLY A 28 -27.85 -15.49 3.47
CA GLY A 28 -26.81 -14.75 4.19
C GLY A 28 -25.61 -14.49 3.30
N VAL A 29 -24.66 -13.72 3.82
CA VAL A 29 -23.45 -13.37 3.09
C VAL A 29 -22.26 -13.13 4.01
N ILE A 30 -21.06 -13.43 3.52
CA ILE A 30 -19.83 -13.09 4.22
C ILE A 30 -19.19 -11.94 3.46
N PRO A 31 -19.20 -10.74 4.04
CA PRO A 31 -18.54 -9.62 3.35
C PRO A 31 -17.03 -9.78 3.31
N LEU A 32 -16.43 -9.35 2.19
CA LEU A 32 -14.98 -9.41 1.99
C LEU A 32 -14.41 -8.01 1.83
N THR A 33 -15.28 -7.00 1.97
CA THR A 33 -14.91 -5.61 1.75
C THR A 33 -15.17 -4.78 3.00
N THR A 34 -14.63 -3.57 2.98
CA THR A 34 -14.86 -2.57 4.01
C THR A 34 -14.43 -1.30 3.37
N THR A 35 -15.00 -0.18 3.77
CA THR A 35 -14.42 1.10 3.40
C THR A 35 -13.70 1.63 4.62
N PRO A 36 -12.36 1.53 4.63
CA PRO A 36 -11.65 2.00 5.81
C PRO A 36 -11.88 3.49 6.00
N THR A 37 -11.50 3.99 7.17
CA THR A 37 -11.74 5.39 7.52
C THR A 37 -10.41 6.05 7.82
N LYS A 38 -10.29 7.32 7.42
CA LYS A 38 -9.04 8.05 7.53
C LYS A 38 -8.52 8.03 8.96
N SER A 39 -7.33 7.48 9.16
CA SER A 39 -6.66 7.49 10.47
C SER A 39 -5.21 7.95 10.40
N HIS A 40 -4.61 8.12 11.57
CA HIS A 40 -3.24 8.64 11.69
C HIS A 40 -2.25 7.55 11.35
N PHE A 41 -1.06 7.95 10.97
CA PHE A 41 -0.06 7.01 10.54
C PHE A 41 0.63 6.41 11.74
N ALA A 42 1.10 5.18 11.55
CA ALA A 42 1.67 4.41 12.62
C ALA A 42 2.99 3.85 12.14
N ASN A 43 3.48 2.87 12.89
CA ASN A 43 4.72 2.22 12.60
C ASN A 43 4.42 0.84 12.05
N LEU A 44 4.68 0.65 10.75
CA LEU A 44 4.51 -0.66 10.13
C LEU A 44 5.17 -1.73 11.01
N LYS A 45 4.46 -2.83 11.25
CA LYS A 45 4.91 -3.86 12.20
C LYS A 45 6.32 -4.41 11.97
N GLY A 46 6.43 -5.36 11.04
CA GLY A 46 7.65 -6.13 10.85
C GLY A 46 8.84 -5.34 10.31
N THR A 47 8.63 -4.06 10.03
CA THR A 47 9.66 -3.18 9.47
C THR A 47 9.72 -1.87 10.26
N GLN A 48 10.87 -1.19 10.19
CA GLN A 48 11.10 0.05 10.97
C GLN A 48 10.77 1.29 10.15
N THR A 49 10.33 2.34 10.82
CA THR A 49 9.78 3.50 10.12
C THR A 49 10.59 4.78 10.31
N ARG A 50 10.62 5.56 9.23
CA ARG A 50 11.33 6.82 9.14
C ARG A 50 10.30 7.89 8.77
N GLY A 51 10.42 9.05 9.40
CA GLY A 51 9.66 10.25 9.01
C GLY A 51 10.44 11.50 9.36
N LYS A 52 11.67 11.26 9.80
CA LYS A 52 12.60 12.28 10.19
C LYS A 52 13.90 11.57 9.93
N LEU A 53 14.53 11.92 8.82
CA LEU A 53 15.80 11.34 8.42
C LEU A 53 16.56 11.00 9.68
N CYS A 54 16.42 11.88 10.68
CA CYS A 54 17.03 11.69 11.96
C CYS A 54 16.15 12.01 13.17
N PRO A 55 16.10 11.09 14.15
CA PRO A 55 15.47 11.37 15.43
C PRO A 55 16.38 12.08 16.44
N ASN A 56 17.66 11.69 16.54
CA ASN A 56 18.59 12.33 17.50
C ASN A 56 19.24 13.64 16.99
N CYS A 57 18.68 14.21 15.93
CA CYS A 57 19.10 15.50 15.38
C CYS A 57 18.15 16.64 15.75
N LEU A 58 17.32 16.41 16.76
CA LEU A 58 16.47 17.47 17.36
C LEU A 58 15.71 18.40 16.40
N ASN A 59 15.35 19.57 16.94
CA ASN A 59 14.63 20.63 16.26
C ASN A 59 15.27 21.07 14.94
N CYS A 60 14.92 20.38 13.87
CA CYS A 60 15.48 20.67 12.55
C CYS A 60 14.55 20.21 11.45
N THR A 61 14.86 20.63 10.22
CA THR A 61 14.22 20.07 9.05
C THR A 61 15.05 18.91 8.55
N ASP A 62 14.45 18.16 7.64
CA ASP A 62 15.13 17.03 7.00
C ASP A 62 16.12 17.59 5.97
N LEU A 63 15.72 18.69 5.33
CA LEU A 63 16.57 19.39 4.38
C LEU A 63 17.78 19.96 5.10
N ASP A 64 17.54 20.56 6.26
CA ASP A 64 18.61 21.03 7.14
C ASP A 64 19.63 19.92 7.35
N VAL A 65 19.14 18.77 7.80
CA VAL A 65 20.01 17.61 8.03
C VAL A 65 20.70 17.21 6.73
N ALA A 66 19.94 17.16 5.64
CA ALA A 66 20.46 16.81 4.32
C ALA A 66 21.64 17.70 3.97
N LEU A 67 21.44 19.00 4.13
CA LEU A 67 22.43 20.00 3.76
C LEU A 67 23.66 20.04 4.67
N GLY A 68 23.56 19.41 5.84
CA GLY A 68 24.70 19.29 6.74
C GLY A 68 24.90 20.49 7.65
N ARG A 69 23.80 21.10 8.07
CA ARG A 69 23.85 22.23 9.01
C ARG A 69 24.41 21.78 10.37
N PRO A 70 25.02 22.71 11.14
CA PRO A 70 25.83 22.48 12.37
C PRO A 70 25.23 21.58 13.48
N LYS A 71 24.11 21.99 14.06
CA LYS A 71 23.45 21.23 15.11
C LYS A 71 22.84 19.95 14.53
N CYS A 72 22.15 20.08 13.40
CA CYS A 72 21.43 18.98 12.80
C CYS A 72 22.39 17.98 12.14
N MET A 73 23.28 17.42 12.94
CA MET A 73 24.22 16.42 12.45
C MET A 73 24.11 15.13 13.27
N GLY A 74 22.86 14.82 13.64
CA GLY A 74 22.54 13.55 14.30
C GLY A 74 22.71 12.35 13.37
N THR A 75 23.43 11.35 13.87
CA THR A 75 23.82 10.18 13.08
C THR A 75 22.61 9.31 12.83
N ILE A 76 22.18 9.28 11.56
CA ILE A 76 20.91 8.67 11.20
C ILE A 76 21.05 7.32 10.49
N PRO A 77 20.22 6.36 10.93
CA PRO A 77 20.32 4.94 10.71
C PRO A 77 19.48 4.38 9.59
N SER A 78 18.79 3.28 9.87
CA SER A 78 18.05 2.52 8.89
C SER A 78 16.63 2.26 9.32
N ALA A 79 15.76 2.38 8.33
CA ALA A 79 14.40 1.89 8.39
C ALA A 79 14.22 1.23 7.02
N LYS A 80 13.33 0.26 6.95
CA LYS A 80 12.97 -0.31 5.66
C LYS A 80 11.63 0.24 5.19
N ALA A 81 11.09 1.19 5.96
CA ALA A 81 9.85 1.87 5.66
C ALA A 81 10.10 3.34 5.93
N SER A 82 9.73 4.20 5.00
CA SER A 82 9.92 5.63 5.19
C SER A 82 8.71 6.42 4.73
N ILE A 83 8.21 7.30 5.59
CA ILE A 83 7.11 8.17 5.21
C ILE A 83 7.64 9.47 4.64
N LEU A 84 6.99 9.95 3.60
CA LEU A 84 7.31 11.23 2.99
C LEU A 84 6.26 12.27 3.42
N HIS A 85 6.62 13.05 4.44
CA HIS A 85 5.74 14.07 5.00
C HIS A 85 6.02 15.43 4.38
N GLU A 86 7.24 15.60 3.88
CA GLU A 86 7.61 16.86 3.23
C GLU A 86 7.69 16.68 1.72
N VAL A 87 6.63 17.08 1.02
CA VAL A 87 6.65 17.06 -0.44
C VAL A 87 7.60 18.13 -0.99
N LYS A 88 7.51 19.35 -0.45
CA LYS A 88 8.44 20.44 -0.74
C LYS A 88 9.11 20.87 0.55
N PRO A 89 10.18 20.15 0.97
CA PRO A 89 10.74 20.40 2.28
C PRO A 89 11.46 21.74 2.41
N VAL A 90 11.50 22.24 3.64
CA VAL A 90 12.03 23.57 3.92
C VAL A 90 13.26 23.45 4.78
N THR A 91 14.01 24.55 4.85
CA THR A 91 15.15 24.69 5.74
C THR A 91 14.64 25.51 6.92
N SER A 92 15.31 25.44 8.07
CA SER A 92 14.84 26.14 9.28
C SER A 92 15.92 27.02 9.89
N GLY A 93 16.74 27.62 9.04
CA GLY A 93 17.86 28.41 9.50
C GLY A 93 19.05 28.36 8.57
N CYS A 94 20.21 28.68 9.12
CA CYS A 94 21.48 28.76 8.38
C CYS A 94 21.45 29.83 7.28
N PHE A 95 22.41 29.73 6.35
CA PHE A 95 22.58 30.73 5.31
C PHE A 95 21.44 30.66 4.29
N PRO A 96 20.79 31.82 4.02
CA PRO A 96 19.72 31.95 3.03
C PRO A 96 20.01 31.30 1.67
N ILE A 97 19.17 30.36 1.27
CA ILE A 97 19.29 29.71 -0.03
C ILE A 97 18.20 30.20 -0.95
N MET A 98 18.55 30.36 -2.22
CA MET A 98 17.56 30.56 -3.29
C MET A 98 17.21 29.18 -3.80
N HIS A 99 16.36 28.51 -3.04
CA HIS A 99 16.05 27.10 -3.23
C HIS A 99 15.51 26.82 -4.61
N ASP A 100 14.44 27.51 -4.96
CA ASP A 100 13.66 27.21 -6.16
C ASP A 100 14.43 27.21 -7.49
N ARG A 101 15.75 27.32 -7.45
CA ARG A 101 16.57 27.35 -8.67
C ARG A 101 17.27 26.03 -8.96
N THR A 102 17.12 25.05 -8.06
CA THR A 102 17.74 23.73 -8.24
C THR A 102 16.81 22.63 -7.73
N LYS A 103 17.16 21.39 -8.04
CA LYS A 103 16.42 20.22 -7.56
C LYS A 103 16.65 19.91 -6.07
N ILE A 104 17.37 20.80 -5.37
CA ILE A 104 17.93 20.51 -4.05
C ILE A 104 16.91 20.15 -2.97
N ARG A 105 15.76 20.81 -2.99
CA ARG A 105 14.69 20.56 -2.01
C ARG A 105 14.42 19.07 -1.74
N GLN A 106 14.50 18.26 -2.80
CA GLN A 106 14.16 16.85 -2.74
C GLN A 106 15.30 15.95 -2.25
N LEU A 107 16.48 16.52 -2.03
CA LEU A 107 17.60 15.77 -1.47
C LEU A 107 17.17 14.86 -0.32
N PRO A 108 16.52 15.40 0.72
CA PRO A 108 16.00 14.53 1.79
C PRO A 108 15.13 13.38 1.25
N ASN A 109 14.19 13.72 0.38
CA ASN A 109 13.27 12.74 -0.20
C ASN A 109 13.93 11.70 -1.09
N LEU A 110 15.05 12.06 -1.71
CA LEU A 110 15.88 11.09 -2.39
C LEU A 110 16.57 10.19 -1.35
N LEU A 111 17.15 10.82 -0.33
CA LEU A 111 17.81 10.08 0.73
C LEU A 111 16.85 9.06 1.31
N ARG A 112 15.69 9.54 1.74
CA ARG A 112 14.62 8.69 2.28
C ARG A 112 14.50 7.35 1.52
N GLY A 113 14.69 7.41 0.21
CA GLY A 113 14.61 6.24 -0.66
C GLY A 113 15.45 5.07 -0.19
N TYR A 114 16.55 5.35 0.49
CA TYR A 114 17.49 4.30 0.92
C TYR A 114 17.20 3.74 2.29
N GLU A 115 17.67 2.52 2.52
CA GLU A 115 17.58 1.88 3.83
C GLU A 115 18.69 2.38 4.73
N ASN A 116 19.88 2.52 4.17
CA ASN A 116 21.04 3.00 4.90
C ASN A 116 21.54 4.29 4.30
N ILE A 117 21.86 5.25 5.17
CA ILE A 117 22.44 6.49 4.75
C ILE A 117 23.40 6.94 5.84
N ARG A 118 24.46 7.66 5.47
CA ARG A 118 25.44 8.12 6.46
C ARG A 118 26.03 9.49 6.14
N LEU A 119 26.26 10.25 7.20
CA LEU A 119 26.82 11.61 7.14
C LEU A 119 27.96 11.65 6.12
N SER A 120 28.98 10.85 6.37
CA SER A 120 30.13 10.64 5.48
C SER A 120 31.31 10.29 6.34
N ALA A 121 32.09 9.31 5.90
CA ALA A 121 33.25 8.89 6.68
C ALA A 121 34.53 9.61 6.25
N ARG A 122 34.44 10.90 5.90
CA ARG A 122 35.55 11.64 5.29
C ARG A 122 34.98 12.87 4.58
N ASN A 123 35.83 13.70 3.99
CA ASN A 123 35.35 14.80 3.15
C ASN A 123 36.22 15.03 1.88
N VAL A 124 35.67 14.56 0.76
CA VAL A 124 36.32 14.65 -0.57
C VAL A 124 36.67 16.09 -0.90
N THR A 125 37.65 16.29 -1.78
CA THR A 125 38.09 17.63 -2.20
C THR A 125 38.76 18.39 -1.06
N ASN A 126 40.06 18.63 -1.18
CA ASN A 126 40.77 19.40 -0.18
C ASN A 126 40.54 20.88 -0.45
N ALA A 127 39.57 21.44 0.26
CA ALA A 127 39.17 22.85 0.12
C ALA A 127 40.32 23.82 -0.08
N GLU A 128 41.45 23.57 0.59
CA GLU A 128 42.63 24.43 0.48
C GLU A 128 43.38 24.16 -0.82
N THR A 129 43.77 22.91 -1.03
CA THR A 129 44.48 22.50 -2.26
C THR A 129 43.61 22.52 -3.51
N ALA A 130 42.34 22.90 -3.37
CA ALA A 130 41.41 22.93 -4.50
C ALA A 130 41.97 23.72 -5.68
N PRO A 131 41.73 23.26 -6.92
CA PRO A 131 42.06 24.05 -8.10
C PRO A 131 41.54 25.47 -7.98
N GLY A 132 42.22 26.40 -8.64
CA GLY A 132 42.20 27.80 -8.25
C GLY A 132 43.30 27.99 -7.21
N GLY A 133 43.45 29.21 -6.70
CA GLY A 133 44.48 29.49 -5.71
C GLY A 133 44.13 28.89 -4.36
N PRO A 134 44.89 29.27 -3.32
CA PRO A 134 44.51 28.91 -1.97
C PRO A 134 43.21 29.60 -1.57
N TYR A 135 42.33 28.86 -0.91
CA TYR A 135 41.08 29.42 -0.41
C TYR A 135 41.13 29.39 1.09
N ILE A 136 40.46 30.37 1.67
CA ILE A 136 40.18 30.33 3.07
C ILE A 136 38.89 29.55 3.07
N VAL A 137 38.81 28.54 3.92
CA VAL A 137 37.56 27.82 4.07
C VAL A 137 36.59 28.79 4.69
N GLY A 138 35.93 29.55 3.84
CA GLY A 138 34.96 30.53 4.28
C GLY A 138 34.07 29.91 5.33
N THR A 139 33.90 30.65 6.40
CA THR A 139 33.01 30.23 7.43
C THR A 139 32.01 31.35 7.51
N SER A 140 30.95 31.16 8.26
CA SER A 140 29.95 32.19 8.33
C SER A 140 29.10 32.09 9.57
N GLY A 141 28.98 33.22 10.27
CA GLY A 141 27.86 33.43 11.16
C GLY A 141 26.63 33.28 10.27
N SER A 142 25.45 33.28 10.88
CA SER A 142 24.21 32.90 10.19
C SER A 142 24.10 31.39 10.13
N CYS A 143 25.11 30.71 10.62
CA CYS A 143 25.07 29.28 10.78
C CYS A 143 25.89 29.03 12.05
N PRO A 144 25.24 29.16 13.23
CA PRO A 144 25.86 28.86 14.52
C PRO A 144 26.74 27.61 14.50
N ASN A 145 27.29 27.28 15.66
CA ASN A 145 28.16 26.13 15.80
C ASN A 145 27.71 25.41 17.06
N VAL A 146 28.43 24.37 17.45
CA VAL A 146 28.27 23.78 18.77
C VAL A 146 28.62 24.83 19.85
N THR A 147 29.35 25.88 19.45
CA THR A 147 29.76 26.98 20.32
C THR A 147 29.37 28.39 19.85
N ASN A 148 28.77 28.50 18.66
CA ASN A 148 28.49 29.77 17.97
C ASN A 148 29.71 30.40 17.33
N GLY A 149 30.23 29.74 16.31
CA GLY A 149 31.40 30.20 15.60
C GLY A 149 30.94 30.60 14.23
N ASN A 150 31.41 29.87 13.23
CA ASN A 150 31.04 30.15 11.87
C ASN A 150 30.61 28.87 11.21
N GLY A 151 29.31 28.78 10.91
CA GLY A 151 28.74 27.55 10.41
C GLY A 151 28.70 27.56 8.91
N PHE A 152 29.12 26.46 8.33
CA PHE A 152 28.83 26.24 6.93
C PHE A 152 28.73 24.76 6.62
N PHE A 153 27.48 24.34 6.45
CA PHE A 153 27.12 23.03 5.93
C PHE A 153 28.29 22.05 5.81
N ALA A 154 28.37 21.13 6.77
CA ALA A 154 29.39 20.07 6.74
C ALA A 154 29.49 19.50 5.32
N THR A 155 28.36 19.49 4.63
CA THR A 155 28.26 19.20 3.21
C THR A 155 29.36 19.80 2.34
N MET A 156 29.54 21.11 2.45
CA MET A 156 30.31 21.86 1.47
C MET A 156 31.17 22.98 2.06
N ALA A 157 32.20 23.38 1.31
CA ALA A 157 33.16 24.40 1.72
C ALA A 157 32.91 25.72 1.01
N TRP A 158 33.01 26.80 1.75
CA TRP A 158 32.78 28.17 1.28
C TRP A 158 34.13 28.70 0.75
N ALA A 159 34.44 28.38 -0.50
CA ALA A 159 35.79 28.64 -1.04
C ALA A 159 36.04 30.13 -1.32
N VAL A 160 36.49 30.85 -0.29
CA VAL A 160 36.80 32.28 -0.43
C VAL A 160 38.30 32.44 -0.66
N PRO A 161 38.70 32.97 -1.83
CA PRO A 161 40.09 32.91 -2.26
C PRO A 161 40.94 34.07 -1.77
N LYS A 162 42.01 33.74 -1.05
CA LYS A 162 43.12 34.67 -0.83
C LYS A 162 43.73 34.86 -2.21
N ASN A 163 44.13 36.10 -2.50
CA ASN A 163 44.45 36.53 -3.85
C ASN A 163 43.15 36.67 -4.63
N LYS A 164 42.44 37.76 -4.36
CA LYS A 164 41.15 37.96 -4.98
C LYS A 164 41.34 38.39 -6.44
N THR A 165 41.30 37.40 -7.34
CA THR A 165 41.45 37.61 -8.80
C THR A 165 40.41 36.83 -9.60
N ALA A 166 40.02 37.36 -10.76
CA ALA A 166 39.04 36.73 -11.66
C ALA A 166 39.58 35.42 -12.23
N THR A 167 38.68 34.49 -12.52
CA THR A 167 39.06 33.12 -12.91
C THR A 167 38.36 32.62 -14.16
N ASN A 168 39.14 32.00 -15.04
CA ASN A 168 38.61 31.17 -16.10
C ASN A 168 38.19 29.84 -15.47
N PRO A 169 37.02 29.29 -15.87
CA PRO A 169 36.47 28.05 -15.32
C PRO A 169 37.50 26.99 -14.95
N LEU A 170 37.40 26.51 -13.71
CA LEU A 170 38.30 25.50 -13.16
C LEU A 170 37.50 24.23 -12.96
N THR A 171 38.15 23.07 -13.03
CA THR A 171 37.45 21.78 -12.94
C THR A 171 37.90 20.91 -11.75
N VAL A 172 37.04 20.79 -10.75
CA VAL A 172 37.27 19.81 -9.68
C VAL A 172 36.81 18.47 -10.25
N GLU A 173 37.36 17.38 -9.73
CA GLU A 173 36.95 16.03 -10.12
C GLU A 173 36.52 15.24 -8.90
N VAL A 174 35.23 15.33 -8.57
CA VAL A 174 34.69 14.73 -7.34
C VAL A 174 34.71 13.19 -7.40
N PRO A 175 35.58 12.55 -6.59
CA PRO A 175 35.72 11.09 -6.67
C PRO A 175 34.61 10.29 -6.01
N TYR A 176 34.74 8.97 -6.08
CA TYR A 176 33.68 8.07 -5.61
C TYR A 176 33.54 8.03 -4.08
N ILE A 177 34.62 7.66 -3.38
CA ILE A 177 34.71 7.79 -1.91
C ILE A 177 34.04 6.70 -1.04
N CYS A 178 32.97 6.07 -1.53
CA CYS A 178 32.04 5.36 -0.64
C CYS A 178 32.33 3.88 -0.37
N THR A 179 31.89 3.42 0.80
CA THR A 179 32.08 2.04 1.24
C THR A 179 31.22 1.11 0.41
N LYS A 180 31.87 0.16 -0.27
CA LYS A 180 31.16 -0.88 -1.03
C LYS A 180 30.52 -0.27 -2.28
N GLY A 181 29.41 -0.88 -2.70
CA GLY A 181 28.57 -0.35 -3.77
C GLY A 181 27.41 0.49 -3.24
N GLU A 182 27.70 1.40 -2.30
CA GLU A 182 26.74 2.42 -1.93
C GLU A 182 26.56 3.39 -3.08
N ASP A 183 25.50 4.20 -3.01
CA ASP A 183 25.38 5.37 -3.87
C ASP A 183 26.06 6.51 -3.14
N GLN A 184 26.57 7.47 -3.89
CA GLN A 184 27.10 8.69 -3.31
C GLN A 184 26.23 9.85 -3.73
N ILE A 185 25.89 10.71 -2.78
CA ILE A 185 25.22 11.96 -3.10
C ILE A 185 26.13 13.14 -2.75
N THR A 186 26.84 13.62 -3.77
CA THR A 186 27.60 14.86 -3.67
C THR A 186 26.64 16.04 -3.53
N VAL A 187 27.08 17.07 -2.83
CA VAL A 187 26.32 18.30 -2.68
C VAL A 187 27.28 19.45 -2.92
N TRP A 188 26.77 20.58 -3.38
CA TRP A 188 27.64 21.72 -3.70
C TRP A 188 26.82 22.92 -4.13
N GLY A 189 27.51 24.02 -4.41
CA GLY A 189 26.82 25.22 -4.86
C GLY A 189 27.72 26.41 -5.03
N PHE A 190 27.12 27.58 -5.05
CA PHE A 190 27.87 28.81 -5.21
C PHE A 190 27.20 29.95 -4.47
N HIS A 191 28.02 30.68 -3.74
CA HIS A 191 27.64 31.94 -3.12
C HIS A 191 27.75 33.04 -4.16
N SER A 192 26.82 33.97 -4.11
CA SER A 192 26.93 35.21 -4.87
C SER A 192 26.48 36.35 -3.99
N ASP A 193 27.04 37.51 -4.27
CA ASP A 193 26.73 38.69 -3.50
C ASP A 193 26.56 39.89 -4.42
N ASP A 194 26.56 41.07 -3.82
CA ASP A 194 26.34 42.32 -4.54
C ASP A 194 27.62 42.80 -5.21
N GLU A 195 27.47 43.84 -6.03
CA GLU A 195 28.57 44.47 -6.73
C GLU A 195 29.81 44.57 -5.84
N THR A 196 29.66 45.28 -4.72
CA THR A 196 30.77 45.63 -3.85
C THR A 196 31.37 44.42 -3.17
N GLN A 197 30.51 43.64 -2.52
CA GLN A 197 30.96 42.50 -1.72
C GLN A 197 31.58 41.40 -2.58
N MET A 198 31.19 41.34 -3.84
CA MET A 198 31.74 40.38 -4.77
C MET A 198 33.24 40.65 -4.95
N VAL A 199 33.56 41.90 -5.28
CA VAL A 199 34.95 42.35 -5.49
C VAL A 199 35.78 42.19 -4.22
N LYS A 200 35.14 42.46 -3.08
CA LYS A 200 35.79 42.37 -1.79
C LYS A 200 36.18 40.93 -1.47
N LEU A 201 35.25 40.01 -1.70
CA LEU A 201 35.43 38.60 -1.31
C LEU A 201 36.30 37.84 -2.32
N TYR A 202 35.98 37.99 -3.60
CA TYR A 202 36.76 37.40 -4.70
C TYR A 202 37.06 38.48 -5.71
N GLY A 203 38.09 38.30 -6.53
CA GLY A 203 38.50 39.37 -7.43
C GLY A 203 37.70 39.44 -8.71
N ASP A 204 36.42 39.80 -8.60
CA ASP A 204 35.50 39.87 -9.76
C ASP A 204 34.10 40.22 -9.31
N SER A 205 33.42 41.08 -10.07
CA SER A 205 32.07 41.53 -9.72
C SER A 205 31.09 41.22 -10.83
N LYS A 206 31.33 40.13 -11.55
CA LYS A 206 30.52 39.78 -12.70
C LYS A 206 29.84 38.43 -12.45
N PRO A 207 28.75 38.15 -13.20
CA PRO A 207 28.07 36.85 -13.13
C PRO A 207 29.03 35.68 -13.35
N GLN A 208 28.92 34.67 -12.50
CA GLN A 208 29.88 33.56 -12.45
C GLN A 208 29.20 32.30 -12.93
N LYS A 209 29.86 31.61 -13.86
CA LYS A 209 29.28 30.43 -14.52
C LYS A 209 29.70 29.14 -13.81
N PHE A 210 28.77 28.19 -13.71
CA PHE A 210 28.99 26.90 -13.06
C PHE A 210 28.32 25.77 -13.83
N THR A 211 28.99 24.62 -13.88
CA THR A 211 28.63 23.52 -14.75
C THR A 211 29.06 22.20 -14.14
N SER A 212 28.11 21.32 -13.84
CA SER A 212 28.45 19.98 -13.35
C SER A 212 28.10 18.87 -14.35
N SER A 213 28.91 17.81 -14.30
CA SER A 213 28.65 16.60 -15.05
C SER A 213 28.69 15.41 -14.09
N ALA A 214 27.71 14.52 -14.19
CA ALA A 214 27.68 13.33 -13.37
C ALA A 214 26.78 12.29 -14.03
N ASN A 215 27.36 11.14 -14.36
CA ASN A 215 26.63 10.06 -15.04
C ASN A 215 25.77 10.54 -16.21
N GLY A 216 26.41 11.30 -17.11
CA GLY A 216 25.73 11.87 -18.28
C GLY A 216 24.69 12.93 -17.96
N VAL A 217 24.67 13.43 -16.73
CA VAL A 217 23.70 14.43 -16.31
C VAL A 217 24.38 15.78 -16.16
N THR A 218 24.27 16.58 -17.20
CA THR A 218 24.85 17.93 -17.26
C THR A 218 23.90 19.00 -16.70
N THR A 219 24.45 19.93 -15.94
CA THR A 219 23.69 21.08 -15.44
C THR A 219 24.58 22.31 -15.46
N HIS A 220 24.01 23.46 -15.83
CA HIS A 220 24.80 24.69 -16.02
C HIS A 220 24.05 25.87 -15.40
N TYR A 221 24.78 26.69 -14.64
CA TYR A 221 24.19 27.84 -13.94
C TYR A 221 24.98 29.11 -14.23
N VAL A 222 24.37 30.24 -13.90
CA VAL A 222 24.97 31.57 -14.03
C VAL A 222 24.55 32.39 -12.82
N SER A 223 25.51 32.79 -12.01
CA SER A 223 25.20 33.44 -10.74
C SER A 223 24.52 34.78 -10.95
N GLN A 224 23.71 35.17 -9.98
CA GLN A 224 23.04 36.46 -9.98
C GLN A 224 23.84 37.43 -9.10
N ILE A 225 23.90 38.69 -9.53
CA ILE A 225 24.70 39.69 -8.85
C ILE A 225 23.81 40.61 -8.02
N GLY A 226 22.84 41.24 -8.68
CA GLY A 226 21.98 42.20 -8.00
C GLY A 226 20.66 41.62 -7.52
N GLY A 227 19.91 42.47 -6.81
CA GLY A 227 18.51 42.24 -6.45
C GLY A 227 18.09 40.81 -6.19
N PHE A 228 18.65 40.22 -5.15
CA PHE A 228 18.23 38.88 -4.75
C PHE A 228 16.86 38.94 -4.08
N PRO A 229 16.06 37.87 -4.21
CA PRO A 229 14.75 37.87 -3.55
C PRO A 229 14.86 37.77 -2.04
N ASN A 230 13.81 38.20 -1.34
CA ASN A 230 13.80 38.21 0.11
C ASN A 230 14.34 36.91 0.68
N GLN A 231 15.01 37.01 1.82
CA GLN A 231 15.60 35.85 2.44
C GLN A 231 14.57 35.06 3.23
N ALA A 232 14.70 33.73 3.19
CA ALA A 232 13.72 32.83 3.82
C ALA A 232 14.30 31.44 4.06
N GLU A 233 13.75 30.77 5.06
CA GLU A 233 14.28 29.48 5.53
C GLU A 233 15.77 29.64 5.87
N ASP A 234 16.01 30.67 6.68
CA ASP A 234 17.34 31.14 7.09
C ASP A 234 17.20 31.70 8.52
N GLU A 235 18.05 32.63 8.93
CA GLU A 235 17.84 33.34 10.21
C GLU A 235 18.04 34.87 10.20
N GLY A 236 19.30 35.33 10.25
CA GLY A 236 19.59 36.68 10.75
C GLY A 236 20.59 37.54 10.00
N LEU A 237 20.19 37.95 8.79
CA LEU A 237 20.68 39.17 8.13
C LEU A 237 22.02 39.29 7.38
N PRO A 238 22.81 38.20 7.19
CA PRO A 238 23.82 38.36 6.12
C PRO A 238 23.16 38.47 4.74
N GLN A 239 22.27 39.45 4.60
CA GLN A 239 21.38 39.52 3.46
C GLN A 239 21.97 40.27 2.28
N SER A 240 23.28 40.44 2.29
CA SER A 240 23.97 40.90 1.10
C SER A 240 23.91 39.79 0.05
N GLY A 241 23.80 38.54 0.50
CA GLY A 241 23.92 37.41 -0.42
C GLY A 241 23.10 36.17 -0.16
N ARG A 242 23.27 35.24 -1.10
CA ARG A 242 22.56 33.97 -1.12
C ARG A 242 23.41 32.89 -1.79
N ILE A 243 23.17 31.65 -1.39
CA ILE A 243 23.86 30.51 -1.97
C ILE A 243 22.85 29.70 -2.80
N VAL A 244 23.13 29.56 -4.10
CA VAL A 244 22.42 28.60 -4.93
C VAL A 244 23.11 27.26 -4.72
N VAL A 245 22.34 26.25 -4.30
CA VAL A 245 22.88 24.95 -3.89
C VAL A 245 22.22 23.81 -4.67
N ASP A 246 22.99 22.75 -4.94
CA ASP A 246 22.52 21.62 -5.74
C ASP A 246 23.21 20.32 -5.31
N TYR A 247 22.64 19.20 -5.71
CA TYR A 247 23.24 17.89 -5.45
C TYR A 247 23.56 17.12 -6.73
N MET A 248 24.41 16.11 -6.56
CA MET A 248 24.91 15.32 -7.66
C MET A 248 24.98 13.88 -7.20
N VAL A 249 24.35 12.97 -7.94
CA VAL A 249 24.31 11.55 -7.54
C VAL A 249 25.37 10.72 -8.28
N GLN A 250 26.35 10.23 -7.54
CA GLN A 250 27.39 9.38 -8.11
C GLN A 250 27.11 7.92 -7.79
N LYS A 251 26.83 7.14 -8.83
CA LYS A 251 26.60 5.70 -8.70
C LYS A 251 27.93 5.01 -8.40
N PRO A 252 27.87 3.79 -7.84
CA PRO A 252 29.09 3.03 -7.50
C PRO A 252 30.21 3.09 -8.53
N GLY A 253 31.40 3.45 -8.05
CA GLY A 253 32.62 3.48 -8.84
C GLY A 253 32.79 4.68 -9.74
N LYS A 254 31.88 5.65 -9.67
CA LYS A 254 31.83 6.72 -10.68
C LYS A 254 32.27 8.08 -10.16
N THR A 255 32.73 8.89 -11.11
CA THR A 255 33.39 10.15 -10.85
C THR A 255 32.51 11.31 -11.28
N GLY A 256 32.51 12.40 -10.51
CA GLY A 256 31.78 13.63 -10.84
C GLY A 256 32.73 14.74 -11.28
N THR A 257 32.20 15.75 -11.97
CA THR A 257 33.01 16.85 -12.49
C THR A 257 32.28 18.18 -12.34
N ILE A 258 32.83 19.07 -11.52
CA ILE A 258 32.25 20.39 -11.33
C ILE A 258 33.17 21.46 -11.91
N ALA A 259 32.72 22.11 -12.98
CA ALA A 259 33.41 23.29 -13.52
C ALA A 259 32.89 24.53 -12.79
N TYR A 260 33.80 25.41 -12.36
CA TYR A 260 33.42 26.49 -11.45
C TYR A 260 34.34 27.71 -11.55
N GLN A 261 33.95 28.77 -10.84
CA GLN A 261 34.70 30.02 -10.81
C GLN A 261 34.81 30.59 -9.39
N ARG A 262 33.93 31.54 -9.05
CA ARG A 262 34.04 32.29 -7.81
C ARG A 262 32.70 32.31 -7.06
N GLY A 263 32.75 32.00 -5.76
CA GLY A 263 31.56 31.73 -4.96
C GLY A 263 31.39 30.24 -4.71
N VAL A 264 32.16 29.45 -5.46
CA VAL A 264 32.14 27.99 -5.42
C VAL A 264 32.06 27.42 -4.00
N LEU A 265 30.85 27.07 -3.60
CA LEU A 265 30.66 26.26 -2.41
C LEU A 265 31.08 24.83 -2.78
N LEU A 266 32.38 24.57 -2.66
CA LEU A 266 32.95 23.24 -2.95
C LEU A 266 32.30 22.19 -2.08
N PRO A 267 32.17 20.94 -2.58
CA PRO A 267 31.66 19.89 -1.71
C PRO A 267 32.65 19.55 -0.63
N GLN A 268 32.17 18.88 0.41
CA GLN A 268 33.03 18.45 1.49
C GLN A 268 32.59 17.06 1.93
N LYS A 269 31.80 17.01 3.00
CA LYS A 269 31.22 15.77 3.45
C LYS A 269 30.12 15.38 2.48
N VAL A 270 30.15 14.13 2.05
CA VAL A 270 29.31 13.64 0.97
C VAL A 270 28.56 12.39 1.43
N TRP A 271 27.26 12.33 1.18
CA TRP A 271 26.45 11.20 1.63
C TRP A 271 26.89 9.89 1.00
N CYS A 272 26.90 8.84 1.81
CA CYS A 272 26.92 7.49 1.29
C CYS A 272 25.64 6.81 1.77
N ALA A 273 24.88 6.28 0.80
CA ALA A 273 23.59 5.68 1.10
C ALA A 273 23.34 4.47 0.22
N SER A 274 22.77 3.43 0.83
CA SER A 274 22.36 2.24 0.10
C SER A 274 21.34 1.40 0.86
N GLY A 275 20.76 0.45 0.13
CA GLY A 275 19.61 -0.30 0.59
C GLY A 275 18.40 0.43 0.06
N ARG A 276 17.31 -0.29 -0.16
CA ARG A 276 16.12 0.32 -0.67
C ARG A 276 15.07 0.27 0.41
N SER A 277 14.43 1.41 0.67
CA SER A 277 13.35 1.45 1.63
C SER A 277 12.04 1.76 0.93
N LYS A 278 10.98 1.16 1.43
CA LYS A 278 9.65 1.36 0.87
C LYS A 278 9.10 2.68 1.38
N VAL A 279 8.83 3.58 0.46
CA VAL A 279 8.43 4.95 0.81
C VAL A 279 6.99 5.20 0.43
N ILE A 280 6.37 6.14 1.13
CA ILE A 280 4.98 6.47 0.92
C ILE A 280 4.72 7.90 1.41
N LYS A 281 3.89 8.63 0.67
CA LYS A 281 3.43 9.95 1.12
C LYS A 281 2.62 9.76 2.41
N GLY A 282 3.29 9.98 3.53
CA GLY A 282 2.63 9.98 4.83
C GLY A 282 2.57 11.40 5.34
N SER A 283 1.73 11.63 6.34
CA SER A 283 1.63 12.94 7.00
C SER A 283 1.65 12.65 8.48
N LEU A 284 2.73 13.07 9.15
CA LEU A 284 3.09 12.41 10.40
C LEU A 284 3.48 13.23 11.61
N PRO A 285 2.64 13.17 12.65
CA PRO A 285 3.07 12.95 14.00
C PRO A 285 2.81 11.47 14.24
N LEU A 286 3.80 10.63 13.94
CA LEU A 286 3.60 9.17 13.90
C LEU A 286 3.10 8.58 15.24
N ILE A 287 1.84 8.14 15.26
CA ILE A 287 1.23 7.57 16.48
C ILE A 287 1.02 6.05 16.34
N GLY A 288 1.77 5.28 17.12
CA GLY A 288 1.47 3.86 17.36
C GLY A 288 1.77 2.88 16.23
N GLU A 289 0.87 1.90 16.08
CA GLU A 289 1.10 0.77 15.18
C GLU A 289 -0.12 0.37 14.32
N ALA A 290 0.14 0.12 13.04
CA ALA A 290 -0.83 -0.44 12.08
C ALA A 290 -0.20 -1.61 11.31
N ASP A 291 -1.04 -2.37 10.62
CA ASP A 291 -0.60 -3.47 9.73
C ASP A 291 -0.15 -2.94 8.39
N CYS A 292 -0.65 -1.77 8.05
CA CYS A 292 -0.59 -1.31 6.69
C CYS A 292 -0.80 0.20 6.62
N LEU A 293 0.08 0.84 5.85
CA LEU A 293 0.08 2.28 5.74
C LEU A 293 -0.44 2.71 4.37
N HIS A 294 -1.67 3.20 4.36
CA HIS A 294 -2.30 3.66 3.14
C HIS A 294 -2.01 5.13 2.95
N GLU A 295 -1.65 5.54 1.74
CA GLU A 295 -1.37 6.96 1.48
C GLU A 295 -2.52 7.86 1.91
N LYS A 296 -3.75 7.45 1.61
CA LYS A 296 -4.94 8.10 2.17
C LYS A 296 -5.17 7.58 3.60
N TYR A 297 -6.28 6.87 3.81
CA TYR A 297 -6.63 6.18 5.07
C TYR A 297 -5.57 6.10 6.20
N GLY A 298 -4.29 6.05 5.84
CA GLY A 298 -3.21 6.12 6.82
C GLY A 298 -3.03 4.82 7.56
N GLY A 299 -2.59 4.90 8.81
CA GLY A 299 -2.48 3.72 9.65
C GLY A 299 -3.77 2.91 9.55
N LEU A 300 -3.64 1.66 9.12
CA LEU A 300 -4.78 0.77 8.91
C LEU A 300 -4.37 -0.69 9.19
N ASN A 301 -5.32 -1.50 9.66
CA ASN A 301 -5.04 -2.90 10.00
C ASN A 301 -6.00 -3.91 9.35
N LYS A 302 -5.43 -5.06 8.98
CA LYS A 302 -6.08 -5.97 8.03
C LYS A 302 -7.18 -6.80 8.67
N SER A 303 -8.43 -6.41 8.39
CA SER A 303 -9.61 -7.14 8.83
C SER A 303 -10.04 -8.12 7.75
N LYS A 304 -10.57 -7.57 6.66
CA LYS A 304 -11.11 -8.35 5.55
C LYS A 304 -10.13 -8.30 4.37
N PRO A 305 -10.18 -9.32 3.50
CA PRO A 305 -9.13 -9.49 2.48
C PRO A 305 -9.08 -8.37 1.45
N TYR A 306 -10.22 -7.85 1.06
CA TYR A 306 -10.26 -6.72 0.14
C TYR A 306 -10.85 -5.49 0.81
N TYR A 307 -10.54 -4.33 0.25
CA TYR A 307 -11.16 -3.08 0.72
C TYR A 307 -11.72 -2.29 -0.47
N THR A 308 -12.83 -1.62 -0.21
CA THR A 308 -13.42 -0.68 -1.16
C THR A 308 -12.95 0.72 -0.79
N GLY A 309 -12.89 1.61 -1.79
CA GLY A 309 -12.63 3.02 -1.52
C GLY A 309 -11.66 3.72 -2.45
N GLU A 310 -10.77 4.50 -1.86
CA GLU A 310 -9.76 5.25 -2.61
C GLU A 310 -8.52 4.39 -2.78
N HIS A 311 -8.18 4.11 -4.04
CA HIS A 311 -6.92 3.45 -4.31
C HIS A 311 -5.81 4.41 -3.96
N ALA A 312 -4.70 3.86 -3.51
CA ALA A 312 -3.51 4.65 -3.29
C ALA A 312 -2.36 3.71 -2.98
N LYS A 313 -1.15 4.20 -3.18
CA LYS A 313 0.02 3.46 -2.77
C LYS A 313 -0.18 3.10 -1.30
N ALA A 314 0.24 1.89 -0.95
CA ALA A 314 0.11 1.36 0.39
C ALA A 314 1.10 0.23 0.56
N ILE A 315 1.68 0.14 1.76
CA ILE A 315 2.73 -0.83 2.05
C ILE A 315 2.42 -1.59 3.33
N GLY A 316 2.89 -2.83 3.40
CA GLY A 316 2.70 -3.66 4.58
C GLY A 316 1.70 -4.75 4.33
N ASN A 317 1.10 -5.28 5.39
CA ASN A 317 0.08 -6.31 5.25
C ASN A 317 -1.24 -5.67 4.91
N CYS A 318 -1.43 -5.36 3.62
CA CYS A 318 -2.58 -4.58 3.18
C CYS A 318 -3.68 -5.40 2.53
N PRO A 319 -4.93 -4.95 2.73
CA PRO A 319 -6.04 -5.52 1.99
C PRO A 319 -5.95 -5.08 0.53
N ILE A 320 -6.32 -5.97 -0.40
CA ILE A 320 -6.29 -5.63 -1.82
C ILE A 320 -7.47 -4.75 -2.22
N TRP A 321 -7.17 -3.69 -2.96
CA TRP A 321 -8.21 -2.77 -3.41
C TRP A 321 -9.13 -3.45 -4.39
N VAL A 322 -10.39 -3.03 -4.40
CA VAL A 322 -11.43 -3.67 -5.20
C VAL A 322 -12.48 -2.63 -5.66
N LYS A 323 -12.89 -2.73 -6.94
CA LYS A 323 -13.81 -1.77 -7.61
C LYS A 323 -15.09 -1.48 -6.84
N THR A 324 -15.61 -2.51 -6.21
CA THR A 324 -16.98 -2.55 -5.72
C THR A 324 -17.07 -3.49 -4.52
N PRO A 325 -18.01 -3.25 -3.59
CA PRO A 325 -18.07 -4.18 -2.47
C PRO A 325 -18.42 -5.57 -2.96
N LEU A 326 -17.70 -6.56 -2.45
CA LEU A 326 -17.92 -7.94 -2.84
C LEU A 326 -18.34 -8.73 -1.61
N LYS A 327 -19.24 -9.69 -1.85
CA LYS A 327 -19.77 -10.52 -0.78
C LYS A 327 -19.72 -11.96 -1.25
N LEU A 328 -19.43 -12.86 -0.32
CA LEU A 328 -19.42 -14.29 -0.61
C LEU A 328 -20.72 -14.89 -0.11
N ALA A 329 -21.46 -15.55 -1.00
CA ALA A 329 -22.68 -16.22 -0.61
C ALA A 329 -22.37 -17.18 0.53
N ASN A 330 -23.05 -16.99 1.64
CA ASN A 330 -23.04 -17.94 2.74
C ASN A 330 -24.48 -18.29 3.00
N GLY A 331 -25.05 -19.06 2.09
CA GLY A 331 -26.44 -19.48 2.20
C GLY A 331 -27.08 -19.95 0.90
N THR A 332 -28.36 -19.63 0.77
CA THR A 332 -29.24 -20.18 -0.24
C THR A 332 -29.87 -19.10 -1.08
N LYS A 333 -29.98 -19.34 -2.38
CA LYS A 333 -30.75 -18.47 -3.26
C LYS A 333 -32.15 -18.32 -2.68
N TYR A 334 -32.69 -17.10 -2.76
CA TYR A 334 -34.05 -16.84 -2.30
C TYR A 334 -35.03 -17.78 -2.99
N ARG A 335 -35.92 -18.38 -2.21
CA ARG A 335 -37.12 -19.04 -2.74
C ARG A 335 -38.31 -18.41 -2.05
N PRO A 336 -39.39 -18.16 -2.80
CA PRO A 336 -40.59 -17.69 -2.11
C PRO A 336 -41.14 -18.85 -1.28
N PRO A 337 -41.83 -18.53 -0.17
CA PRO A 337 -42.42 -19.60 0.64
C PRO A 337 -43.44 -20.36 -0.18
N ALA A 338 -43.66 -21.62 0.15
CA ALA A 338 -44.44 -22.47 -0.72
C ALA A 338 -45.81 -22.81 -0.15
N LYS A 339 -46.83 -22.64 -0.99
CA LYS A 339 -48.01 -23.50 -0.99
C LYS A 339 -48.40 -23.85 -2.43
N LEU A 340 -47.49 -23.65 -3.38
CA LEU A 340 -47.69 -24.09 -4.76
C LEU A 340 -47.39 -25.58 -4.83
N LEU A 341 -48.15 -26.33 -4.02
CA LEU A 341 -48.02 -27.75 -3.85
C LEU A 341 -49.41 -28.35 -3.74
N LYS A 342 -49.53 -29.61 -4.11
CA LYS A 342 -50.78 -30.34 -3.99
C LYS A 342 -50.49 -31.84 -4.00
N GLY B 1 -32.57 -24.64 -9.20
CA GLY B 1 -32.06 -24.00 -10.46
C GLY B 1 -32.44 -24.77 -11.70
N PHE B 2 -31.63 -24.63 -12.76
CA PHE B 2 -31.93 -25.22 -14.07
C PHE B 2 -32.28 -26.70 -13.96
N PHE B 3 -31.56 -27.42 -13.10
CA PHE B 3 -31.83 -28.83 -12.88
C PHE B 3 -33.21 -29.03 -12.30
N GLY B 4 -33.46 -28.41 -11.15
CA GLY B 4 -34.74 -28.52 -10.43
C GLY B 4 -35.94 -28.09 -11.27
N ALA B 5 -35.81 -26.96 -11.96
CA ALA B 5 -36.87 -26.45 -12.85
C ALA B 5 -37.29 -27.48 -13.91
N ILE B 6 -36.30 -28.04 -14.59
CA ILE B 6 -36.51 -29.04 -15.65
C ILE B 6 -37.10 -30.31 -15.09
N ALA B 7 -36.41 -30.86 -14.11
CA ALA B 7 -36.78 -32.14 -13.51
C ALA B 7 -37.75 -31.90 -12.36
N GLY B 8 -38.88 -31.30 -12.67
CA GLY B 8 -39.95 -30.94 -11.73
C GLY B 8 -39.76 -30.85 -10.23
N PHE B 9 -38.63 -30.31 -9.77
CA PHE B 9 -38.49 -30.02 -8.34
C PHE B 9 -39.29 -28.75 -8.03
N LEU B 10 -39.51 -28.50 -6.76
CA LEU B 10 -40.33 -27.38 -6.33
C LEU B 10 -39.41 -26.20 -6.00
N GLU B 11 -39.64 -25.05 -6.63
CA GLU B 11 -38.94 -23.81 -6.23
C GLU B 11 -39.60 -23.36 -4.94
N GLY B 12 -39.49 -24.23 -3.95
CA GLY B 12 -40.26 -24.13 -2.75
C GLY B 12 -39.39 -23.58 -1.67
N GLY B 13 -39.74 -22.37 -1.25
CA GLY B 13 -39.33 -21.92 0.03
C GLY B 13 -40.15 -22.70 1.04
N TRP B 14 -39.49 -23.35 1.98
CA TRP B 14 -40.18 -23.88 3.15
C TRP B 14 -39.73 -23.08 4.35
N GLU B 15 -40.36 -21.93 4.54
CA GLU B 15 -40.14 -21.15 5.76
C GLU B 15 -40.45 -22.11 6.89
N GLY B 16 -39.76 -21.95 8.01
CA GLY B 16 -40.02 -22.83 9.15
C GLY B 16 -39.00 -23.94 9.28
N MET B 17 -38.42 -24.40 8.16
CA MET B 17 -37.21 -25.20 8.24
C MET B 17 -36.10 -24.20 8.55
N ILE B 18 -35.73 -24.17 9.83
CA ILE B 18 -34.98 -23.06 10.42
C ILE B 18 -33.60 -23.47 10.89
N ALA B 19 -33.52 -24.64 11.53
CA ALA B 19 -32.25 -25.19 11.96
C ALA B 19 -31.31 -25.44 10.78
N GLY B 20 -31.83 -25.32 9.55
CA GLY B 20 -31.02 -25.57 8.37
C GLY B 20 -31.50 -24.99 7.04
N TRP B 21 -30.64 -25.16 6.04
CA TRP B 21 -30.90 -24.70 4.67
C TRP B 21 -31.65 -25.72 3.85
N HIS B 22 -31.36 -27.00 4.10
CA HIS B 22 -31.98 -28.10 3.34
C HIS B 22 -32.38 -29.22 4.27
N GLY B 23 -33.49 -29.86 3.94
CA GLY B 23 -33.88 -31.05 4.64
C GLY B 23 -35.03 -31.69 3.90
N TYR B 24 -36.02 -32.12 4.66
CA TYR B 24 -37.13 -32.81 4.08
C TYR B 24 -38.45 -32.12 4.39
N THR B 25 -39.44 -32.39 3.56
CA THR B 25 -40.82 -32.05 3.84
C THR B 25 -41.49 -33.39 4.08
N SER B 26 -42.73 -33.39 4.53
CA SER B 26 -43.49 -34.64 4.70
C SER B 26 -44.99 -34.38 4.62
N HIS B 27 -45.73 -35.29 3.99
CA HIS B 27 -47.06 -34.97 3.46
C HIS B 27 -48.14 -36.02 3.64
N GLY B 28 -49.25 -35.65 4.27
CA GLY B 28 -50.41 -36.55 4.34
C GLY B 28 -51.50 -36.10 5.31
N ALA B 29 -52.22 -37.08 5.85
CA ALA B 29 -53.27 -36.83 6.85
C ALA B 29 -52.87 -35.74 7.84
N HIS B 30 -51.69 -35.89 8.45
CA HIS B 30 -51.15 -34.93 9.43
C HIS B 30 -50.90 -33.53 8.87
N GLY B 31 -51.02 -33.39 7.56
CA GLY B 31 -50.79 -32.11 6.89
C GLY B 31 -49.45 -32.11 6.18
N VAL B 32 -48.60 -31.16 6.54
CA VAL B 32 -47.24 -31.10 6.03
C VAL B 32 -46.25 -30.94 7.17
N ALA B 33 -45.19 -31.75 7.12
CA ALA B 33 -44.12 -31.69 8.10
C ALA B 33 -42.87 -31.16 7.43
N VAL B 34 -42.02 -30.50 8.21
CA VAL B 34 -40.80 -29.91 7.70
C VAL B 34 -39.66 -30.21 8.66
N ALA B 35 -38.52 -30.59 8.09
CA ALA B 35 -37.32 -30.88 8.86
C ALA B 35 -36.12 -30.41 8.06
N ALA B 36 -35.08 -30.00 8.77
CA ALA B 36 -33.84 -29.57 8.15
C ALA B 36 -32.82 -30.63 8.44
N ASP B 37 -31.79 -30.70 7.62
CA ASP B 37 -30.75 -31.68 7.82
C ASP B 37 -29.51 -31.00 8.34
N LEU B 38 -29.16 -31.29 9.59
CA LEU B 38 -28.00 -30.64 10.22
C LEU B 38 -26.68 -31.34 9.88
N LYS B 39 -26.49 -31.57 8.58
CA LYS B 39 -25.27 -32.16 8.05
C LYS B 39 -25.06 -31.59 6.65
N SER B 40 -26.09 -31.71 5.82
CA SER B 40 -26.10 -31.05 4.52
C SER B 40 -25.81 -29.57 4.66
N THR B 41 -26.17 -29.00 5.81
CA THR B 41 -25.92 -27.59 6.09
C THR B 41 -24.47 -27.37 6.53
N GLN B 42 -24.07 -28.03 7.61
CA GLN B 42 -22.68 -27.94 8.09
C GLN B 42 -21.76 -28.20 6.93
N GLU B 43 -22.13 -29.18 6.11
CA GLU B 43 -21.43 -29.44 4.89
C GLU B 43 -21.40 -28.22 3.97
N ALA B 44 -22.56 -27.61 3.72
CA ALA B 44 -22.63 -26.42 2.87
C ALA B 44 -21.85 -25.25 3.48
N ILE B 45 -21.87 -25.16 4.80
CA ILE B 45 -21.13 -24.12 5.52
C ILE B 45 -19.61 -24.35 5.45
N ASN B 46 -19.20 -25.62 5.55
CA ASN B 46 -17.79 -25.98 5.44
C ASN B 46 -17.19 -25.59 4.10
N LYS B 47 -17.88 -25.97 3.03
CA LYS B 47 -17.44 -25.60 1.69
C LYS B 47 -17.18 -24.10 1.61
N ILE B 48 -18.17 -23.30 2.00
CA ILE B 48 -18.08 -21.84 1.94
C ILE B 48 -16.92 -21.32 2.79
N THR B 49 -16.79 -21.82 4.01
CA THR B 49 -15.69 -21.40 4.89
C THR B 49 -14.34 -21.62 4.23
N LYS B 50 -14.14 -22.80 3.67
CA LYS B 50 -12.90 -23.13 2.97
C LYS B 50 -12.70 -22.26 1.72
N ASN B 51 -13.80 -21.92 1.05
CA ASN B 51 -13.75 -21.01 -0.09
C ASN B 51 -13.31 -19.60 0.33
N LEU B 52 -13.83 -19.12 1.46
CA LEU B 52 -13.42 -17.84 2.07
C LEU B 52 -11.92 -17.85 2.35
N ASN B 53 -11.45 -18.94 2.93
CA ASN B 53 -10.04 -19.12 3.25
C ASN B 53 -9.17 -19.07 2.00
N SER B 54 -9.68 -19.64 0.91
CA SER B 54 -8.95 -19.67 -0.34
C SER B 54 -8.94 -18.30 -0.98
N LEU B 55 -10.09 -17.64 -0.98
CA LEU B 55 -10.16 -16.26 -1.49
C LEU B 55 -9.24 -15.32 -0.71
N SER B 56 -8.95 -15.67 0.54
CA SER B 56 -8.15 -14.81 1.42
C SER B 56 -6.64 -15.01 1.32
N GLU B 57 -6.19 -16.10 0.71
CA GLU B 57 -4.75 -16.36 0.58
C GLU B 57 -4.07 -15.45 -0.41
N LEU B 58 -4.75 -15.12 -1.51
CA LEU B 58 -4.16 -14.33 -2.60
C LEU B 58 -3.30 -13.16 -2.08
N GLU B 59 -2.03 -13.16 -2.48
CA GLU B 59 -1.11 -12.07 -2.17
C GLU B 59 -0.69 -11.34 -3.43
N VAL B 60 -0.45 -10.04 -3.31
CA VAL B 60 -0.19 -9.17 -4.45
C VAL B 60 0.80 -8.07 -4.05
N LYS B 61 1.84 -7.84 -4.87
CA LYS B 61 2.95 -7.00 -4.44
C LYS B 61 2.48 -5.64 -3.95
N ASN B 62 3.17 -5.11 -2.95
CA ASN B 62 2.72 -3.98 -2.14
C ASN B 62 2.20 -2.79 -2.95
N LEU B 63 3.03 -2.29 -3.86
CA LEU B 63 2.71 -1.09 -4.66
C LEU B 63 3.04 0.21 -3.91
N GLN B 64 4.28 0.65 -4.04
CA GLN B 64 4.84 1.77 -3.26
C GLN B 64 5.27 2.92 -4.16
N ARG B 65 6.20 3.74 -3.66
CA ARG B 65 6.74 4.88 -4.40
C ARG B 65 8.02 4.53 -5.14
N LEU B 66 8.28 5.27 -6.21
CA LEU B 66 9.55 5.18 -6.90
C LEU B 66 10.56 5.94 -6.06
N SER B 67 11.59 5.21 -5.61
CA SER B 67 12.59 5.74 -4.69
C SER B 67 13.51 6.77 -5.34
N GLY B 68 13.71 6.65 -6.65
CA GLY B 68 14.61 7.54 -7.39
C GLY B 68 13.92 8.65 -8.18
N ALA B 69 12.59 8.63 -8.23
CA ALA B 69 11.84 9.59 -9.04
C ALA B 69 11.39 10.74 -8.18
N MET B 70 11.83 11.95 -8.52
CA MET B 70 11.62 13.11 -7.64
C MET B 70 10.45 13.99 -8.07
N ASP B 71 9.79 14.50 -7.03
CA ASP B 71 8.44 15.03 -7.12
C ASP B 71 8.27 16.20 -8.08
N GLU B 72 9.28 17.06 -8.15
CA GLU B 72 9.21 18.25 -9.01
C GLU B 72 10.08 18.11 -10.27
N LEU B 73 11.06 17.22 -10.24
CA LEU B 73 11.99 17.04 -11.37
C LEU B 73 11.50 16.00 -12.38
N HIS B 74 10.94 14.91 -11.89
CA HIS B 74 10.57 13.76 -12.73
C HIS B 74 9.06 13.51 -12.77
N ASN B 75 8.29 14.52 -13.12
CA ASN B 75 6.82 14.42 -13.07
C ASN B 75 6.26 13.54 -14.19
N GLU B 76 6.94 13.53 -15.32
CA GLU B 76 6.51 12.69 -16.45
C GLU B 76 6.73 11.20 -16.16
N ILE B 77 7.83 10.85 -15.50
CA ILE B 77 8.01 9.48 -14.96
C ILE B 77 6.99 9.18 -13.87
N LEU B 78 6.82 10.15 -12.97
CA LEU B 78 5.89 10.02 -11.84
C LEU B 78 4.44 9.82 -12.31
N GLU B 79 4.08 10.46 -13.41
CA GLU B 79 2.77 10.25 -14.03
C GLU B 79 2.66 8.81 -14.51
N LEU B 80 3.62 8.37 -15.33
CA LEU B 80 3.63 7.00 -15.84
C LEU B 80 3.58 5.98 -14.72
N ASP B 81 4.20 6.32 -13.59
CA ASP B 81 4.12 5.48 -12.39
C ASP B 81 2.71 5.43 -11.80
N GLU B 82 2.00 6.57 -11.78
CA GLU B 82 0.57 6.58 -11.40
C GLU B 82 -0.23 5.66 -12.29
N LYS B 83 -0.06 5.83 -13.60
CA LYS B 83 -0.79 5.01 -14.57
C LYS B 83 -0.54 3.57 -14.22
N VAL B 84 0.72 3.20 -14.06
CA VAL B 84 1.04 1.83 -13.64
C VAL B 84 0.26 1.43 -12.38
N ASP B 85 0.29 2.27 -11.34
CA ASP B 85 -0.43 1.93 -10.11
C ASP B 85 -1.89 1.67 -10.40
N ASP B 86 -2.51 2.61 -11.11
CA ASP B 86 -3.93 2.51 -11.47
C ASP B 86 -4.28 1.24 -12.22
N LEU B 87 -3.53 0.97 -13.28
CA LEU B 87 -3.79 -0.22 -14.11
C LEU B 87 -3.62 -1.52 -13.32
N ARG B 88 -2.54 -1.63 -12.55
CA ARG B 88 -2.38 -2.78 -11.65
C ARG B 88 -3.67 -2.99 -10.82
N ALA B 89 -3.99 -1.96 -10.03
CA ALA B 89 -5.17 -1.95 -9.17
C ALA B 89 -6.43 -2.34 -9.92
N ASP B 90 -6.58 -1.87 -11.16
CA ASP B 90 -7.74 -2.25 -11.97
C ASP B 90 -7.66 -3.72 -12.39
N THR B 91 -6.51 -4.16 -12.87
CA THR B 91 -6.36 -5.53 -13.35
C THR B 91 -6.65 -6.54 -12.26
N ILE B 92 -6.02 -6.38 -11.09
CA ILE B 92 -6.23 -7.33 -10.01
C ILE B 92 -7.63 -7.24 -9.42
N SER B 93 -8.21 -6.04 -9.39
CA SER B 93 -9.59 -5.90 -8.97
C SER B 93 -10.49 -6.76 -9.85
N SER B 94 -10.33 -6.64 -11.16
CA SER B 94 -11.16 -7.39 -12.13
C SER B 94 -11.02 -8.90 -11.92
N GLN B 95 -9.78 -9.35 -11.73
CA GLN B 95 -9.50 -10.75 -11.46
C GLN B 95 -10.22 -11.24 -10.22
N ILE B 96 -10.12 -10.46 -9.15
CA ILE B 96 -10.76 -10.83 -7.89
C ILE B 96 -12.28 -10.92 -8.05
N GLU B 97 -12.86 -9.91 -8.71
CA GLU B 97 -14.26 -9.97 -9.16
C GLU B 97 -14.60 -11.28 -9.89
N LEU B 98 -13.70 -11.74 -10.74
CA LEU B 98 -13.92 -12.98 -11.49
C LEU B 98 -13.81 -14.22 -10.61
N ALA B 99 -12.85 -14.19 -9.67
CA ALA B 99 -12.67 -15.32 -8.76
C ALA B 99 -13.90 -15.47 -7.89
N VAL B 100 -14.37 -14.37 -7.32
CA VAL B 100 -15.49 -14.42 -6.40
C VAL B 100 -16.79 -14.83 -7.10
N LEU B 101 -17.08 -14.21 -8.24
CA LEU B 101 -18.24 -14.60 -9.04
C LEU B 101 -18.28 -16.11 -9.30
N LEU B 102 -17.15 -16.67 -9.76
CA LEU B 102 -17.06 -18.11 -9.92
C LEU B 102 -17.42 -18.77 -8.60
N SER B 103 -16.81 -18.32 -7.52
CA SER B 103 -17.12 -18.82 -6.16
C SER B 103 -18.62 -18.83 -5.88
N ASN B 104 -19.27 -17.69 -6.12
CA ASN B 104 -20.73 -17.58 -5.94
C ASN B 104 -21.55 -18.47 -6.89
N GLU B 105 -21.16 -18.54 -8.16
CA GLU B 105 -21.84 -19.43 -9.11
C GLU B 105 -21.80 -20.88 -8.62
N GLY B 106 -20.64 -21.28 -8.07
CA GLY B 106 -20.50 -22.62 -7.50
C GLY B 106 -21.39 -22.80 -6.30
N ILE B 107 -21.21 -21.93 -5.30
CA ILE B 107 -21.94 -22.03 -4.04
C ILE B 107 -23.43 -22.08 -4.31
N ILE B 108 -23.92 -21.13 -5.09
CA ILE B 108 -25.33 -21.09 -5.37
C ILE B 108 -25.73 -22.39 -6.06
N ASN B 109 -25.05 -22.79 -7.13
CA ASN B 109 -25.40 -24.04 -7.83
C ASN B 109 -25.29 -25.33 -7.01
N SER B 110 -24.28 -25.41 -6.15
CA SER B 110 -24.08 -26.60 -5.30
C SER B 110 -25.39 -27.02 -4.66
N GLU B 111 -26.17 -26.01 -4.25
CA GLU B 111 -27.52 -26.19 -3.71
C GLU B 111 -28.26 -27.45 -4.21
N ASP B 112 -28.65 -27.49 -5.47
CA ASP B 112 -29.42 -28.63 -5.99
C ASP B 112 -28.69 -29.97 -5.81
N GLU B 113 -27.36 -29.94 -5.76
CA GLU B 113 -26.60 -31.15 -5.49
C GLU B 113 -26.84 -31.68 -4.06
N HIS B 114 -26.90 -30.78 -3.08
CA HIS B 114 -27.28 -31.18 -1.72
C HIS B 114 -28.63 -31.88 -1.75
N LEU B 115 -29.63 -31.18 -2.29
CA LEU B 115 -30.99 -31.73 -2.47
C LEU B 115 -30.92 -33.16 -3.04
N LEU B 116 -30.07 -33.32 -4.05
CA LEU B 116 -29.93 -34.57 -4.77
C LEU B 116 -29.29 -35.62 -3.86
N ALA B 117 -28.29 -35.23 -3.10
CA ALA B 117 -27.69 -36.11 -2.09
C ALA B 117 -28.72 -36.47 -1.00
N LEU B 118 -29.28 -35.45 -0.36
CA LEU B 118 -30.32 -35.65 0.67
C LEU B 118 -31.34 -36.71 0.30
N GLU B 119 -31.70 -36.73 -0.97
CA GLU B 119 -32.64 -37.68 -1.51
C GLU B 119 -32.12 -39.13 -1.51
N ARG B 120 -30.84 -39.32 -1.74
CA ARG B 120 -30.27 -40.68 -1.70
C ARG B 120 -30.16 -41.21 -0.27
N LYS B 121 -29.83 -40.32 0.66
CA LYS B 121 -29.91 -40.62 2.07
C LYS B 121 -31.32 -41.10 2.41
N LEU B 122 -32.32 -40.39 1.92
CA LEU B 122 -33.70 -40.81 2.11
C LEU B 122 -34.00 -42.19 1.47
N LYS B 123 -33.73 -42.31 0.16
CA LYS B 123 -34.02 -43.58 -0.55
C LYS B 123 -33.58 -44.78 0.26
N LYS B 124 -32.35 -44.76 0.77
CA LYS B 124 -31.86 -45.87 1.60
C LYS B 124 -32.78 -46.09 2.78
N MET B 125 -32.86 -45.11 3.67
CA MET B 125 -33.51 -45.34 4.96
C MET B 125 -35.01 -45.59 4.90
N LEU B 126 -35.69 -45.09 3.86
CA LEU B 126 -37.12 -45.44 3.65
C LEU B 126 -37.34 -46.93 3.38
N GLY B 127 -36.32 -47.61 2.85
CA GLY B 127 -36.39 -49.04 2.58
C GLY B 127 -36.78 -49.28 1.13
N PRO B 128 -36.88 -50.56 0.74
CA PRO B 128 -37.28 -50.94 -0.62
C PRO B 128 -38.78 -50.90 -0.86
N SER B 129 -39.58 -50.85 0.20
CA SER B 129 -41.05 -50.74 0.07
C SER B 129 -41.50 -49.39 -0.48
N ALA B 130 -40.68 -48.34 -0.27
CA ALA B 130 -40.95 -46.99 -0.80
C ALA B 130 -40.94 -46.95 -2.33
N VAL B 131 -41.39 -45.82 -2.89
CA VAL B 131 -41.41 -45.61 -4.34
C VAL B 131 -40.81 -44.25 -4.72
N ASP B 132 -39.71 -44.31 -5.49
CA ASP B 132 -38.94 -43.12 -5.89
C ASP B 132 -39.64 -42.48 -7.08
N ILE B 133 -40.14 -41.25 -6.91
CA ILE B 133 -40.93 -40.60 -7.95
C ILE B 133 -40.06 -40.08 -9.11
N GLY B 134 -38.94 -39.45 -8.76
CA GLY B 134 -38.13 -38.66 -9.72
C GLY B 134 -38.20 -37.21 -9.28
N ASN B 135 -39.36 -36.86 -8.73
CA ASN B 135 -39.65 -35.58 -8.06
C ASN B 135 -38.57 -35.05 -7.15
N GLY B 136 -37.89 -35.96 -6.45
CA GLY B 136 -37.19 -35.61 -5.21
C GLY B 136 -38.00 -36.15 -4.05
N CYS B 137 -39.00 -36.98 -4.36
CA CYS B 137 -40.01 -37.41 -3.41
C CYS B 137 -40.21 -38.91 -3.45
N PHE B 138 -40.71 -39.44 -2.34
CA PHE B 138 -40.95 -40.87 -2.18
C PHE B 138 -42.37 -41.15 -1.67
N GLU B 139 -43.08 -42.01 -2.38
CA GLU B 139 -44.36 -42.49 -1.94
C GLU B 139 -44.10 -43.65 -0.96
N THR B 140 -44.51 -43.50 0.28
CA THR B 140 -44.27 -44.52 1.30
C THR B 140 -45.52 -45.32 1.65
N LYS B 141 -45.32 -46.54 2.14
CA LYS B 141 -46.42 -47.46 2.50
C LYS B 141 -46.90 -47.25 3.95
N HIS B 142 -46.45 -46.17 4.56
CA HIS B 142 -46.77 -45.85 5.94
C HIS B 142 -46.89 -44.33 6.12
N LYS B 143 -47.49 -43.92 7.23
CA LYS B 143 -47.61 -42.50 7.56
C LYS B 143 -46.30 -41.95 8.02
N CYS B 144 -46.07 -40.65 7.78
CA CYS B 144 -44.89 -39.98 8.34
C CYS B 144 -45.20 -38.60 8.93
N ASN B 145 -45.50 -38.58 10.22
CA ASN B 145 -45.75 -37.33 10.95
C ASN B 145 -44.43 -36.69 11.34
N GLN B 146 -44.50 -35.53 11.99
CA GLN B 146 -43.31 -34.79 12.39
C GLN B 146 -42.25 -35.64 13.12
N THR B 147 -42.67 -36.57 13.97
CA THR B 147 -41.70 -37.37 14.75
C THR B 147 -40.91 -38.29 13.85
N CYS B 148 -41.64 -39.05 13.03
CA CYS B 148 -41.08 -39.80 11.91
C CYS B 148 -40.08 -38.94 11.13
N LEU B 149 -40.53 -37.78 10.66
CA LEU B 149 -39.73 -36.93 9.80
C LEU B 149 -38.46 -36.47 10.49
N ASP B 150 -38.52 -36.30 11.81
CA ASP B 150 -37.37 -35.81 12.57
C ASP B 150 -36.33 -36.90 12.73
N ARG B 151 -36.79 -38.14 12.80
CA ARG B 151 -35.86 -39.27 12.88
C ARG B 151 -35.09 -39.44 11.57
N ILE B 152 -35.65 -38.91 10.47
CA ILE B 152 -35.01 -38.94 9.17
C ILE B 152 -33.89 -37.91 9.15
N ALA B 153 -34.20 -36.69 9.56
CA ALA B 153 -33.21 -35.63 9.63
C ALA B 153 -32.01 -36.01 10.50
N ALA B 154 -32.27 -36.81 11.54
CA ALA B 154 -31.21 -37.33 12.41
C ALA B 154 -30.46 -38.51 11.77
N GLY B 155 -31.17 -39.30 10.98
CA GLY B 155 -30.63 -40.56 10.49
C GLY B 155 -30.86 -41.64 11.52
N THR B 156 -31.95 -41.50 12.27
CA THR B 156 -32.35 -42.46 13.29
C THR B 156 -33.67 -43.08 12.87
N PHE B 157 -33.92 -43.07 11.57
CA PHE B 157 -35.14 -43.65 11.01
C PHE B 157 -34.92 -45.14 10.74
N ASN B 158 -35.97 -45.92 10.98
CA ASN B 158 -35.99 -47.34 10.64
C ASN B 158 -37.35 -47.73 10.08
N ALA B 159 -37.40 -48.11 8.81
CA ALA B 159 -38.57 -48.80 8.26
C ALA B 159 -38.59 -50.15 8.95
N GLY B 160 -39.75 -50.55 9.45
CA GLY B 160 -39.82 -51.71 10.35
C GLY B 160 -40.40 -51.27 11.67
N GLU B 161 -40.08 -50.04 12.06
CA GLU B 161 -40.81 -49.34 13.12
C GLU B 161 -42.30 -49.39 12.74
N PHE B 162 -42.55 -49.31 11.44
CA PHE B 162 -43.82 -49.64 10.82
C PHE B 162 -43.42 -50.88 10.01
N SER B 163 -43.85 -52.07 10.42
CA SER B 163 -43.24 -53.33 9.94
C SER B 163 -43.15 -53.41 8.40
N LEU B 164 -41.97 -53.01 7.90
CA LEU B 164 -41.68 -52.86 6.48
C LEU B 164 -40.21 -53.22 6.31
N PRO B 165 -39.83 -53.72 5.13
CA PRO B 165 -38.44 -54.17 4.93
C PRO B 165 -37.37 -53.08 5.09
N THR B 166 -36.14 -53.52 5.26
CA THR B 166 -35.03 -52.64 5.60
C THR B 166 -33.76 -53.03 4.84
N PHE B 167 -32.94 -52.04 4.52
CA PHE B 167 -31.56 -52.29 4.11
C PHE B 167 -30.69 -52.06 5.33
N ASP B 168 -29.78 -52.98 5.61
CA ASP B 168 -28.90 -52.88 6.77
C ASP B 168 -27.45 -52.90 6.33
N SER B 169 -26.62 -52.09 6.97
CA SER B 169 -25.17 -52.15 6.74
C SER B 169 -24.51 -52.77 7.96
C1 NAG C . -33.38 -9.03 -2.37
C2 NAG C . -34.54 -8.70 -1.43
C3 NAG C . -35.20 -7.45 -1.97
C4 NAG C . -34.21 -6.32 -1.83
C5 NAG C . -32.90 -6.66 -2.59
C6 NAG C . -31.73 -5.74 -2.26
C7 NAG C . -36.25 -10.31 -2.18
C8 NAG C . -37.47 -11.04 -1.69
N2 NAG C . -35.45 -9.82 -1.23
O3 NAG C . -36.35 -7.12 -1.23
O4 NAG C . -34.88 -5.15 -2.26
O5 NAG C . -32.45 -7.96 -2.25
O6 NAG C . -30.54 -6.43 -1.93
O7 NAG C . -36.03 -10.20 -3.38
C1 NAG C . -34.20 -3.99 -1.73
C2 NAG C . -34.01 -2.91 -2.79
C3 NAG C . -32.92 -2.00 -2.23
C4 NAG C . -33.20 -1.60 -0.77
C5 NAG C . -33.76 -2.74 0.11
C6 NAG C . -34.35 -2.30 1.45
C7 NAG C . -33.10 -2.83 -5.07
C8 NAG C . -31.62 -2.81 -5.20
N2 NAG C . -33.61 -3.52 -4.05
O3 NAG C . -32.84 -0.82 -3.00
O4 NAG C . -31.98 -1.13 -0.24
O5 NAG C . -34.79 -3.40 -0.60
O6 NAG C . -33.64 -1.21 2.02
O7 NAG C . -33.82 -2.24 -5.85
C1 NAG D . 37.73 18.78 5.87
C2 NAG D . 37.17 20.18 5.99
C3 NAG D . 37.84 20.94 7.14
C4 NAG D . 37.73 20.12 8.42
C5 NAG D . 38.09 18.65 8.15
C6 NAG D . 37.76 17.77 9.34
C7 NAG D . 38.05 21.80 4.36
C8 NAG D . 37.35 23.12 4.48
N2 NAG D . 37.31 20.75 4.67
O3 NAG D . 37.18 22.18 7.34
O4 NAG D . 38.60 20.41 9.52
O5 NAG D . 37.42 18.10 7.04
O6 NAG D . 37.81 16.42 8.93
O7 NAG D . 39.22 21.72 3.97
C1 NAG D . 39.00 21.70 10.06
C2 NAG D . 40.02 21.36 11.17
C3 NAG D . 40.65 22.58 11.85
C4 NAG D . 41.07 23.61 10.82
C5 NAG D . 39.95 23.85 9.81
C6 NAG D . 40.37 24.87 8.76
C7 NAG D . 38.46 20.86 13.00
C8 NAG D . 37.04 20.61 12.57
N2 NAG D . 39.42 20.48 12.17
O3 NAG D . 41.75 22.19 12.65
O4 NAG D . 41.41 24.80 11.49
O5 NAG D . 39.60 22.63 9.16
O6 NAG D . 40.54 26.13 9.36
O7 NAG D . 38.69 21.41 14.09
C1 NAG E . -4.86 -2.11 14.14
C2 NAG E . -5.46 -1.19 15.21
C3 NAG E . -4.31 -0.70 16.09
C4 NAG E . -3.73 -1.90 16.84
C5 NAG E . -3.35 -3.04 15.87
C6 NAG E . -3.29 -4.38 16.61
C7 NAG E . -5.87 0.71 13.68
C8 NAG E . -6.96 1.28 12.81
N2 NAG E . -6.26 -0.10 14.66
O3 NAG E . -4.73 0.29 17.01
O4 NAG E . -2.58 -1.50 17.57
O5 NAG E . -4.21 -3.22 14.75
O6 NAG E . -1.96 -4.78 16.79
O7 NAG E . -4.70 1.02 13.49
C1 NAG E . -2.64 -1.85 18.98
C2 NAG E . -1.31 -1.78 19.77
C3 NAG E . -1.51 -1.91 21.29
C4 NAG E . -2.82 -1.33 21.83
C5 NAG E . -3.97 -1.55 20.85
C6 NAG E . -5.27 -0.88 21.28
C7 NAG E . 0.14 -3.77 20.03
C8 NAG E . -0.46 -5.13 19.83
N2 NAG E . -0.36 -2.78 19.28
O3 NAG E . -0.43 -1.30 21.96
O4 NAG E . -3.12 -1.94 23.06
O5 NAG E . -3.58 -1.01 19.61
O6 NAG E . -6.11 -1.82 21.89
O7 NAG E . 1.04 -3.62 20.85
C1 NAG F . -22.46 -18.63 7.46
C2 NAG F . -21.60 -18.08 8.60
C3 NAG F . -21.69 -19.04 9.77
C4 NAG F . -23.15 -19.17 10.20
C5 NAG F . -24.02 -19.53 9.01
C6 NAG F . -25.49 -19.45 9.44
C7 NAG F . -19.38 -18.74 7.75
C8 NAG F . -17.94 -18.55 8.10
N2 NAG F . -20.21 -17.81 8.23
O3 NAG F . -20.90 -18.56 10.83
O4 NAG F . -23.19 -20.24 11.11
O5 NAG F . -23.80 -18.67 7.91
O6 NAG F . -26.31 -19.79 8.35
O7 NAG F . -19.75 -19.70 7.07
C1 NAG F . -23.86 -20.12 12.38
C2 NAG F . -24.38 -21.44 13.00
C3 NAG F . -23.90 -21.78 14.44
C4 NAG F . -22.69 -20.99 14.94
C5 NAG F . -22.78 -19.56 14.43
C6 NAG F . -21.58 -18.70 14.81
C7 NAG F . -26.75 -20.77 13.52
C8 NAG F . -26.32 -19.75 14.54
N2 NAG F . -25.84 -21.58 12.93
O3 NAG F . -23.63 -23.16 14.55
O4 NAG F . -22.65 -21.01 16.35
O5 NAG F . -22.72 -19.66 13.04
O6 NAG F . -21.80 -17.38 14.38
O7 NAG F . -27.95 -20.85 13.26
C1 NAG G . 33.87 43.31 9.95
C2 NAG G . 33.33 41.88 9.95
C3 NAG G . 31.88 41.81 9.45
C4 NAG G . 30.99 42.89 10.07
C5 NAG G . 31.71 44.25 10.06
C6 NAG G . 30.93 45.37 10.75
C7 NAG G . 34.77 39.95 9.55
C8 NAG G . 34.57 38.72 8.71
N2 NAG G . 34.17 41.05 9.10
O3 NAG G . 31.36 40.52 9.73
O4 NAG G . 29.77 43.02 9.36
O5 NAG G . 32.99 44.14 10.67
O6 NAG G . 29.88 44.89 11.58
O7 NAG G . 35.44 39.92 10.58
C1 GAL G . 28.79 42.00 9.64
C2 GAL G . 27.38 42.58 9.51
C3 GAL G . 26.28 41.53 9.66
C4 GAL G . 26.56 40.32 8.80
C5 GAL G . 27.99 39.87 9.08
C6 GAL G . 28.33 38.68 8.24
O2 GAL G . 27.19 43.59 10.49
O3 GAL G . 25.04 42.09 9.28
O4 GAL G . 26.37 40.65 7.44
O5 GAL G . 28.90 40.90 8.77
O6 GAL G . 29.62 38.25 8.64
C1 SIA G . 28.98 36.18 7.65
C2 SIA G . 30.07 37.24 7.72
C3 SIA G . 31.39 36.74 8.28
C4 SIA G . 32.18 35.89 7.29
C5 SIA G . 32.29 36.57 5.93
C6 SIA G . 30.90 36.96 5.47
C7 SIA G . 30.85 37.64 4.11
C8 SIA G . 29.53 38.37 3.97
C9 SIA G . 29.38 38.93 2.56
C10 SIA G . 33.96 35.96 4.21
C11 SIA G . 34.66 37.27 4.41
N5 SIA G . 32.88 35.68 4.94
O1A SIA G . 28.89 35.34 8.56
O1B SIA G . 28.18 36.21 6.69
O4 SIA G . 33.48 35.64 7.82
O6 SIA G . 30.31 37.84 6.44
O7 SIA G . 31.93 38.57 3.98
O8 SIA G . 28.44 37.48 4.24
O9 SIA G . 28.08 39.53 2.43
O10 SIA G . 34.39 35.15 3.40
C1 NAG H . 32.75 26.43 16.15
C2 NAG H . 33.59 25.14 16.31
C3 NAG H . 35.09 25.37 16.48
C4 NAG H . 35.59 26.44 15.52
C5 NAG H . 34.79 27.73 15.75
C6 NAG H . 35.32 28.85 14.86
C7 NAG H . 33.49 23.10 17.66
C8 NAG H . 33.41 22.10 16.53
N2 NAG H . 33.08 24.34 17.42
O3 NAG H . 35.81 24.19 16.22
O4 NAG H . 36.97 26.66 15.73
O5 NAG H . 33.41 27.51 15.50
O6 NAG H . 34.29 29.38 14.05
O7 NAG H . 33.94 22.75 18.76
C1 NAG I . 46.72 34.04 -8.04
C2 NAG I . 46.10 33.92 -9.43
C3 NAG I . 47.24 33.99 -10.45
C4 NAG I . 48.05 35.27 -10.24
C5 NAG I . 48.54 35.39 -8.79
C6 NAG I . 49.23 36.71 -8.52
C7 NAG I . 45.51 31.62 -10.18
C8 NAG I . 44.69 31.42 -11.41
N2 NAG I . 45.25 32.72 -9.47
O3 NAG I . 46.75 33.96 -11.78
O4 NAG I . 49.14 35.29 -11.13
O5 NAG I . 47.43 35.25 -7.92
O6 NAG I . 49.84 36.69 -7.25
O7 NAG I . 46.35 30.77 -9.85
C1 NAG J . -46.81 -39.70 15.12
C2 NAG J . -47.18 -38.82 16.32
C3 NAG J . -46.82 -39.52 17.63
C4 NAG J . -47.41 -40.94 17.70
C5 NAG J . -47.21 -41.69 16.39
C6 NAG J . -48.04 -42.99 16.40
C7 NAG J . -47.21 -36.36 16.16
C8 NAG J . -46.68 -35.19 16.93
N2 NAG J . -46.54 -37.51 16.28
O3 NAG J . -47.32 -38.76 18.71
O4 NAG J . -46.81 -41.64 18.78
O5 NAG J . -47.57 -40.89 15.28
O6 NAG J . -48.05 -43.65 15.16
O7 NAG J . -48.21 -36.23 15.47
#